data_5EHG
#
_entry.id   5EHG
#
_cell.length_a   61.145
_cell.length_b   185.730
_cell.length_c   52.072
_cell.angle_alpha   90.00
_cell.angle_beta   90.00
_cell.angle_gamma   90.00
#
_symmetry.space_group_name_H-M   'P 21 21 2'
#
loop_
_entity.id
_entity.type
_entity.pdbx_description
1 polymer 'RNA-directed RNA polymerase NS5'
2 non-polymer S-ADENOSYLMETHIONINE
3 non-polymer '4-[3-[(2-azanyl-4-chloranyl-phenyl)carbamoylamino]phenyl]sulfonyloxybenzoic acid'
4 water water
#
_entity_poly.entity_id   1
_entity_poly.type   'polypeptide(L)'
_entity_poly.pdbx_seq_one_letter_code
;GTGSQGETLGEKWKKKLNQLSRKEFDLYKKSGITEVDRTEAKEGLKRGETTHHAVSRGSAKLQWFVERNMVIPEGRVIDL
GCGRGGWSYYCAGLKKVTEVRGYTKGGPGHEEPVPMSTYGWNIVKLMSGKDVFYLPPEKCDTLLCDIGESSPSPTVEESR
TIRVLKMVEPWLKNNQFCIKVLNPYMPTVIEHLERLQRKHGGMLVRNPLSRNSTHEMYWISNGTGNIVSSVNMVSRLLLN
RFTMTHRRPTIEKDVDLGAGTRHVNAEPETPNMDVI
;
_entity_poly.pdbx_strand_id   A,C
#
# COMPACT_ATOMS: atom_id res chain seq x y z
N GLU A 7 0.43 -1.17 -32.29
CA GLU A 7 0.21 0.19 -31.77
C GLU A 7 -1.29 0.48 -31.65
N THR A 8 -1.75 0.90 -30.45
CA THR A 8 -3.16 1.15 -30.20
C THR A 8 -3.54 2.52 -30.72
N LEU A 9 -4.82 2.76 -30.96
CA LEU A 9 -5.32 4.09 -31.35
C LEU A 9 -4.91 5.13 -30.29
N GLY A 10 -4.97 4.74 -29.00
CA GLY A 10 -4.59 5.59 -27.88
C GLY A 10 -3.15 6.10 -27.96
N GLU A 11 -2.21 5.21 -28.35
CA GLU A 11 -0.79 5.59 -28.51
C GLU A 11 -0.59 6.55 -29.68
N LYS A 12 -1.44 6.42 -30.71
CA LYS A 12 -1.41 7.31 -31.88
C LYS A 12 -1.87 8.69 -31.47
N TRP A 13 -2.91 8.77 -30.65
CA TRP A 13 -3.47 10.01 -30.10
C TRP A 13 -2.39 10.70 -29.26
N LYS A 14 -1.70 9.91 -28.45
CA LYS A 14 -0.65 10.41 -27.56
C LYS A 14 0.53 10.99 -28.33
N LYS A 15 0.93 10.32 -29.45
CA LYS A 15 2.04 10.81 -30.25
C LYS A 15 1.66 12.16 -30.82
N LYS A 16 0.43 12.26 -31.36
CA LYS A 16 -0.10 13.51 -31.92
C LYS A 16 -0.21 14.60 -30.85
N LEU A 17 -0.72 14.26 -29.63
CA LEU A 17 -0.84 15.22 -28.52
C LEU A 17 0.52 15.81 -28.18
N ASN A 18 1.57 14.94 -28.11
CA ASN A 18 2.94 15.33 -27.83
C ASN A 18 3.57 16.22 -28.91
N GLN A 19 3.05 16.23 -30.14
CA GLN A 19 3.63 17.04 -31.21
C GLN A 19 3.06 18.46 -31.25
N LEU A 20 2.00 18.75 -30.48
CA LEU A 20 1.34 20.06 -30.53
C LEU A 20 2.17 21.17 -29.95
N SER A 21 2.09 22.38 -30.54
CA SER A 21 2.73 23.57 -29.95
C SER A 21 1.82 23.94 -28.79
N ARG A 22 2.28 24.83 -27.91
CA ARG A 22 1.47 25.27 -26.78
C ARG A 22 0.13 25.93 -27.24
N LYS A 23 0.15 26.73 -28.30
CA LYS A 23 -1.07 27.38 -28.81
C LYS A 23 -2.13 26.32 -29.22
N GLU A 24 -1.74 25.34 -30.07
CA GLU A 24 -2.59 24.24 -30.55
C GLU A 24 -3.07 23.37 -29.38
N PHE A 25 -2.21 23.06 -28.40
CA PHE A 25 -2.58 22.27 -27.22
C PHE A 25 -3.71 22.97 -26.47
N ASP A 26 -3.56 24.29 -26.24
CA ASP A 26 -4.55 25.08 -25.50
C ASP A 26 -5.88 25.15 -26.22
N LEU A 27 -5.89 25.15 -27.56
CA LEU A 27 -7.13 25.20 -28.36
C LEU A 27 -7.74 23.78 -28.56
N TYR A 28 -6.93 22.73 -28.38
CA TYR A 28 -7.40 21.35 -28.45
C TYR A 28 -8.07 20.86 -27.14
N LYS A 29 -7.40 21.09 -25.99
CA LYS A 29 -7.75 20.58 -24.66
C LYS A 29 -9.19 20.77 -24.25
N LYS A 30 -9.84 21.88 -24.64
CA LYS A 30 -11.24 22.05 -24.26
C LYS A 30 -12.20 22.00 -25.45
N SER A 31 -11.70 21.58 -26.64
CA SER A 31 -12.54 21.50 -27.84
C SER A 31 -13.70 20.50 -27.72
N GLY A 32 -14.92 21.01 -27.73
CA GLY A 32 -16.16 20.24 -27.63
C GLY A 32 -16.46 19.57 -26.29
N ILE A 33 -15.70 19.89 -25.21
CA ILE A 33 -15.92 19.25 -23.90
C ILE A 33 -17.05 19.95 -23.15
N THR A 34 -17.35 19.51 -21.92
CA THR A 34 -18.34 20.16 -21.05
C THR A 34 -17.50 20.64 -19.92
N GLU A 35 -17.86 21.77 -19.32
CA GLU A 35 -17.15 22.30 -18.16
C GLU A 35 -18.07 23.17 -17.32
N VAL A 36 -17.78 23.26 -16.03
CA VAL A 36 -18.60 24.12 -15.17
C VAL A 36 -17.94 25.50 -15.13
N ASP A 37 -18.74 26.57 -15.00
CA ASP A 37 -18.25 27.93 -14.83
C ASP A 37 -17.81 28.10 -13.35
N ARG A 38 -16.50 28.19 -13.12
CA ARG A 38 -15.86 28.37 -11.81
C ARG A 38 -15.67 29.82 -11.36
N THR A 39 -16.14 30.82 -12.14
CA THR A 39 -15.98 32.25 -11.85
C THR A 39 -16.39 32.63 -10.44
N GLU A 40 -17.66 32.34 -10.06
CA GLU A 40 -18.26 32.65 -8.75
C GLU A 40 -17.48 32.00 -7.60
N ALA A 41 -17.23 30.66 -7.69
CA ALA A 41 -16.49 29.92 -6.66
C ALA A 41 -15.05 30.39 -6.50
N LYS A 42 -14.30 30.64 -7.60
CA LYS A 42 -12.93 31.16 -7.51
C LYS A 42 -12.95 32.51 -6.80
N GLU A 43 -13.90 33.41 -7.17
CA GLU A 43 -14.05 34.71 -6.53
C GLU A 43 -14.34 34.58 -5.00
N GLY A 44 -15.30 33.73 -4.64
CA GLY A 44 -15.71 33.48 -3.26
C GLY A 44 -14.65 32.83 -2.42
N LEU A 45 -13.95 31.83 -2.98
CA LEU A 45 -12.84 31.13 -2.30
C LEU A 45 -11.70 32.08 -1.99
N LYS A 46 -11.42 33.04 -2.90
CA LYS A 46 -10.36 34.05 -2.71
C LYS A 46 -10.70 34.98 -1.55
N ARG A 47 -12.00 35.26 -1.32
CA ARG A 47 -12.47 36.10 -0.20
C ARG A 47 -12.54 35.32 1.13
N GLY A 48 -12.27 34.01 1.09
CA GLY A 48 -12.28 33.16 2.26
C GLY A 48 -13.63 32.59 2.63
N GLU A 49 -14.57 32.54 1.66
CA GLU A 49 -15.91 32.00 1.90
C GLU A 49 -15.82 30.49 2.03
N THR A 50 -16.52 29.92 3.03
CA THR A 50 -16.46 28.48 3.32
C THR A 50 -17.78 27.75 3.08
N THR A 51 -18.82 28.47 2.66
CA THR A 51 -20.11 27.82 2.37
C THR A 51 -20.39 27.88 0.86
N HIS A 52 -21.28 26.98 0.35
CA HIS A 52 -21.78 26.87 -1.04
C HIS A 52 -20.77 26.41 -2.10
N HIS A 53 -19.57 26.99 -2.09
CA HIS A 53 -18.57 26.72 -3.10
C HIS A 53 -17.93 25.33 -3.03
N ALA A 54 -17.74 24.69 -4.23
CA ALA A 54 -16.96 23.47 -4.40
C ALA A 54 -15.52 24.00 -4.37
N VAL A 55 -14.56 23.22 -3.76
CA VAL A 55 -13.17 23.68 -3.66
C VAL A 55 -12.44 23.52 -4.96
N SER A 56 -12.99 22.74 -5.89
CA SER A 56 -12.38 22.48 -7.18
C SER A 56 -13.45 22.04 -8.15
N ARG A 57 -13.05 21.76 -9.41
CA ARG A 57 -13.87 21.21 -10.48
C ARG A 57 -14.28 19.80 -10.16
N GLY A 58 -13.54 19.13 -9.27
CA GLY A 58 -13.79 17.74 -8.89
C GLY A 58 -15.18 17.41 -8.40
N SER A 59 -15.82 18.31 -7.61
CA SER A 59 -17.18 18.05 -7.07
C SER A 59 -18.17 17.78 -8.20
N ALA A 60 -18.21 18.69 -9.23
CA ALA A 60 -19.03 18.55 -10.46
C ALA A 60 -18.64 17.32 -11.26
N LYS A 61 -17.34 16.94 -11.22
CA LYS A 61 -16.87 15.74 -11.95
C LYS A 61 -17.44 14.47 -11.35
N LEU A 62 -17.40 14.33 -10.01
CA LEU A 62 -17.98 13.16 -9.35
C LEU A 62 -19.50 13.25 -9.44
N GLN A 63 -20.05 14.45 -9.27
CA GLN A 63 -21.51 14.65 -9.38
C GLN A 63 -22.07 14.00 -10.71
N TRP A 64 -21.40 14.24 -11.85
CA TRP A 64 -21.82 13.65 -13.12
C TRP A 64 -22.06 12.12 -13.01
N PHE A 65 -21.13 11.38 -12.37
CA PHE A 65 -21.23 9.92 -12.18
C PHE A 65 -22.36 9.56 -11.24
N VAL A 66 -22.45 10.24 -10.08
CA VAL A 66 -23.48 9.94 -9.06
C VAL A 66 -24.90 10.19 -9.56
N GLU A 67 -25.11 11.30 -10.29
CA GLU A 67 -26.48 11.62 -10.75
C GLU A 67 -26.97 10.61 -11.81
N ARG A 68 -26.04 9.81 -12.40
CA ARG A 68 -26.35 8.79 -13.40
C ARG A 68 -26.31 7.37 -12.77
N ASN A 69 -26.21 7.29 -11.41
CA ASN A 69 -26.18 6.06 -10.62
C ASN A 69 -25.00 5.14 -10.92
N MET A 70 -23.89 5.67 -11.49
CA MET A 70 -22.72 4.85 -11.86
C MET A 70 -21.94 4.40 -10.63
N VAL A 71 -21.98 5.24 -9.61
CA VAL A 71 -21.44 4.99 -8.27
C VAL A 71 -22.44 5.64 -7.36
N ILE A 72 -22.81 4.94 -6.27
CA ILE A 72 -23.84 5.46 -5.35
C ILE A 72 -23.23 5.55 -3.96
N PRO A 73 -22.56 6.67 -3.59
CA PRO A 73 -21.89 6.71 -2.27
C PRO A 73 -22.85 6.41 -1.13
N GLU A 74 -22.35 5.61 -0.17
CA GLU A 74 -23.05 5.13 1.01
C GLU A 74 -22.05 4.72 2.11
N GLY A 75 -22.53 4.75 3.35
CA GLY A 75 -21.81 4.40 4.57
C GLY A 75 -20.50 5.15 4.65
N ARG A 76 -19.45 4.44 5.00
CA ARG A 76 -18.11 5.01 5.12
C ARG A 76 -17.47 5.16 3.74
N VAL A 77 -17.22 6.43 3.35
CA VAL A 77 -16.64 6.78 2.04
C VAL A 77 -15.18 7.02 2.24
N ILE A 78 -14.30 6.32 1.45
CA ILE A 78 -12.86 6.58 1.48
C ILE A 78 -12.56 7.32 0.20
N ASP A 79 -11.86 8.46 0.31
CA ASP A 79 -11.49 9.22 -0.87
C ASP A 79 -9.96 9.29 -1.01
N LEU A 80 -9.39 8.42 -1.88
CA LEU A 80 -7.93 8.35 -2.10
C LEU A 80 -7.46 9.41 -3.07
N GLY A 81 -6.50 10.24 -2.63
CA GLY A 81 -6.01 11.37 -3.41
C GLY A 81 -7.08 12.43 -3.43
N CYS A 82 -7.52 12.87 -2.24
CA CYS A 82 -8.64 13.82 -2.13
C CYS A 82 -8.23 15.25 -2.59
N GLY A 83 -6.93 15.53 -2.61
CA GLY A 83 -6.47 16.88 -2.96
C GLY A 83 -7.11 17.92 -2.06
N ARG A 84 -7.68 18.99 -2.67
CA ARG A 84 -8.40 20.06 -1.98
C ARG A 84 -9.68 19.58 -1.30
N GLY A 85 -10.23 18.47 -1.81
CA GLY A 85 -11.39 17.80 -1.23
C GLY A 85 -12.69 17.86 -2.02
N GLY A 86 -12.67 18.16 -3.32
CA GLY A 86 -13.90 18.30 -4.10
C GLY A 86 -14.83 17.09 -4.06
N TRP A 87 -14.28 15.85 -4.09
CA TRP A 87 -15.09 14.63 -4.04
C TRP A 87 -15.65 14.43 -2.64
N SER A 88 -14.82 14.62 -1.62
CA SER A 88 -15.23 14.46 -0.20
C SER A 88 -16.32 15.42 0.22
N TYR A 89 -16.24 16.71 -0.17
CA TYR A 89 -17.29 17.64 0.22
C TYR A 89 -18.59 17.38 -0.53
N TYR A 90 -18.50 16.85 -1.78
CA TYR A 90 -19.70 16.49 -2.57
C TYR A 90 -20.44 15.26 -1.88
N CYS A 91 -19.68 14.17 -1.56
CA CYS A 91 -20.25 12.98 -0.90
C CYS A 91 -20.83 13.30 0.48
N ALA A 92 -20.24 14.25 1.21
CA ALA A 92 -20.71 14.59 2.57
C ALA A 92 -22.15 15.04 2.63
N GLY A 93 -22.67 15.57 1.50
CA GLY A 93 -24.05 16.02 1.39
C GLY A 93 -25.00 14.96 0.90
N LEU A 94 -24.55 13.70 0.75
CA LEU A 94 -25.45 12.68 0.21
C LEU A 94 -26.12 11.87 1.31
N LYS A 95 -27.48 11.71 1.24
CA LYS A 95 -28.23 11.08 2.34
C LYS A 95 -27.73 9.67 2.75
N LYS A 96 -27.24 8.84 1.83
CA LYS A 96 -26.75 7.50 2.23
C LYS A 96 -25.37 7.53 2.88
N VAL A 97 -24.66 8.65 2.80
CA VAL A 97 -23.28 8.75 3.32
C VAL A 97 -23.31 9.09 4.83
N THR A 98 -22.53 8.34 5.62
CA THR A 98 -22.48 8.54 7.06
C THR A 98 -21.11 9.07 7.51
N GLU A 99 -20.05 8.83 6.73
CA GLU A 99 -18.68 9.27 7.04
C GLU A 99 -17.85 9.39 5.79
N VAL A 100 -16.97 10.42 5.72
CA VAL A 100 -16.07 10.64 4.61
C VAL A 100 -14.63 10.81 5.16
N ARG A 101 -13.70 9.98 4.68
CA ARG A 101 -12.31 10.03 5.09
C ARG A 101 -11.52 10.21 3.80
N GLY A 102 -10.84 11.33 3.70
CA GLY A 102 -10.01 11.63 2.54
C GLY A 102 -8.55 11.60 2.90
N TYR A 103 -7.74 11.00 2.02
CA TYR A 103 -6.29 10.93 2.23
C TYR A 103 -5.62 11.57 1.04
N THR A 104 -4.60 12.38 1.28
CA THR A 104 -3.89 12.98 0.15
C THR A 104 -2.44 13.21 0.51
N LYS A 105 -1.57 13.18 -0.49
CA LYS A 105 -0.13 13.33 -0.27
C LYS A 105 0.28 14.68 0.33
N GLY A 106 -0.06 15.78 -0.34
CA GLY A 106 0.36 17.08 0.18
C GLY A 106 1.83 17.35 -0.08
N GLY A 107 2.30 18.50 0.41
CA GLY A 107 3.67 18.94 0.25
C GLY A 107 3.97 19.44 -1.17
N PRO A 108 5.24 19.75 -1.46
CA PRO A 108 5.59 20.28 -2.80
C PRO A 108 5.07 19.48 -4.00
N GLY A 109 4.47 20.20 -4.93
CA GLY A 109 3.86 19.64 -6.13
C GLY A 109 2.48 19.07 -5.94
N HIS A 110 1.90 19.14 -4.69
CA HIS A 110 0.61 18.50 -4.41
C HIS A 110 -0.35 19.40 -3.65
N GLU A 111 -1.63 19.37 -4.00
CA GLU A 111 -2.61 20.23 -3.35
C GLU A 111 -2.84 19.84 -1.90
N GLU A 112 -3.17 20.82 -1.09
CA GLU A 112 -3.50 20.59 0.33
C GLU A 112 -5.02 20.62 0.50
N PRO A 113 -5.59 19.82 1.44
CA PRO A 113 -7.05 19.88 1.69
C PRO A 113 -7.46 21.30 2.11
N VAL A 114 -8.62 21.75 1.62
CA VAL A 114 -9.16 23.08 1.93
C VAL A 114 -10.27 22.93 2.99
N PRO A 115 -10.19 23.58 4.17
CA PRO A 115 -11.28 23.45 5.17
C PRO A 115 -12.55 24.17 4.70
N MET A 116 -13.69 23.46 4.68
CA MET A 116 -14.96 24.10 4.30
C MET A 116 -16.06 23.84 5.34
N SER A 117 -17.18 24.56 5.18
CA SER A 117 -18.37 24.43 6.02
C SER A 117 -19.58 24.20 5.14
N THR A 118 -19.39 23.54 3.99
CA THR A 118 -20.48 23.21 3.11
C THR A 118 -21.32 22.11 3.77
N TYR A 119 -22.52 21.85 3.23
CA TYR A 119 -23.43 20.88 3.82
C TYR A 119 -22.79 19.53 4.11
N GLY A 120 -22.86 19.13 5.38
CA GLY A 120 -22.32 17.85 5.82
C GLY A 120 -20.86 17.85 6.19
N TRP A 121 -20.23 19.04 6.27
CA TRP A 121 -18.79 19.16 6.63
C TRP A 121 -18.37 18.34 7.89
N ASN A 122 -19.29 18.21 8.87
CA ASN A 122 -19.05 17.53 10.17
C ASN A 122 -18.76 16.03 10.06
N ILE A 123 -19.01 15.41 8.88
CA ILE A 123 -18.71 13.98 8.72
C ILE A 123 -17.47 13.77 7.87
N VAL A 124 -16.78 14.87 7.50
CA VAL A 124 -15.57 14.83 6.67
C VAL A 124 -14.32 15.01 7.56
N LYS A 125 -13.26 14.22 7.27
CA LYS A 125 -11.93 14.33 7.83
C LYS A 125 -10.95 14.09 6.65
N LEU A 126 -10.22 15.13 6.25
CA LEU A 126 -9.23 15.11 5.17
C LEU A 126 -7.86 15.13 5.81
N MET A 127 -7.06 14.16 5.47
CA MET A 127 -5.71 14.04 6.03
C MET A 127 -4.66 14.15 4.95
N SER A 128 -3.77 15.12 5.11
CA SER A 128 -2.67 15.33 4.17
C SER A 128 -1.44 14.56 4.71
N GLY A 129 -0.32 14.57 3.99
CA GLY A 129 0.92 13.87 4.41
C GLY A 129 0.72 12.36 4.33
N LYS A 130 -0.28 11.91 3.54
CA LYS A 130 -0.64 10.49 3.40
C LYS A 130 -0.43 9.98 1.96
N ASP A 131 0.63 9.23 1.77
CA ASP A 131 0.87 8.62 0.48
C ASP A 131 0.12 7.29 0.52
N VAL A 132 -0.94 7.13 -0.29
CA VAL A 132 -1.79 5.94 -0.36
C VAL A 132 -1.02 4.63 -0.71
N PHE A 133 0.13 4.71 -1.43
CA PHE A 133 0.90 3.50 -1.76
C PHE A 133 1.62 2.88 -0.52
N TYR A 134 1.55 3.57 0.65
CA TYR A 134 2.13 3.09 1.90
C TYR A 134 1.05 2.95 2.98
N LEU A 135 -0.22 2.94 2.58
CA LEU A 135 -1.32 2.85 3.54
C LEU A 135 -1.92 1.45 3.56
N PRO A 136 -2.22 0.92 4.75
CA PRO A 136 -2.95 -0.36 4.81
C PRO A 136 -4.43 -0.12 4.45
N PRO A 137 -5.09 -1.12 3.83
CA PRO A 137 -6.51 -0.97 3.50
C PRO A 137 -7.41 -0.80 4.75
N GLU A 138 -8.47 -0.02 4.62
CA GLU A 138 -9.43 0.20 5.71
C GLU A 138 -10.80 -0.34 5.37
N LYS A 139 -11.61 -0.66 6.39
CA LYS A 139 -12.98 -1.08 6.13
C LYS A 139 -13.77 0.15 5.69
N CYS A 140 -14.56 -0.01 4.63
CA CYS A 140 -15.35 1.08 4.04
C CYS A 140 -16.43 0.52 3.19
N ASP A 141 -17.40 1.37 2.81
CA ASP A 141 -18.57 0.98 2.01
C ASP A 141 -18.53 1.56 0.63
N THR A 142 -17.72 2.63 0.43
CA THR A 142 -17.51 3.29 -0.85
C THR A 142 -16.03 3.67 -0.96
N LEU A 143 -15.40 3.27 -2.07
CA LEU A 143 -13.98 3.57 -2.34
C LEU A 143 -13.86 4.44 -3.56
N LEU A 144 -13.32 5.62 -3.37
CA LEU A 144 -13.11 6.56 -4.46
C LEU A 144 -11.64 6.78 -4.62
N CYS A 145 -11.14 6.86 -5.87
CA CYS A 145 -9.71 7.12 -6.10
C CYS A 145 -9.55 8.00 -7.36
N ASP A 146 -8.90 9.17 -7.22
CA ASP A 146 -8.75 10.09 -8.36
C ASP A 146 -7.28 10.34 -8.70
N ILE A 147 -6.42 9.37 -8.40
CA ILE A 147 -4.97 9.48 -8.57
C ILE A 147 -4.54 9.01 -9.96
N GLY A 148 -3.58 9.74 -10.52
CA GLY A 148 -2.95 9.43 -11.82
C GLY A 148 -2.36 10.67 -12.42
N GLU A 149 -1.04 10.87 -12.29
CA GLU A 149 -0.44 12.09 -12.83
C GLU A 149 -0.06 11.83 -14.30
N SER A 150 -0.47 12.75 -15.19
CA SER A 150 -0.19 12.63 -16.64
C SER A 150 1.29 12.79 -16.89
N SER A 151 1.78 12.19 -17.96
CA SER A 151 3.16 12.26 -18.40
C SER A 151 3.17 12.19 -19.95
N PRO A 152 4.15 12.84 -20.66
CA PRO A 152 4.22 12.66 -22.12
C PRO A 152 4.52 11.20 -22.50
N SER A 153 5.15 10.42 -21.58
CA SER A 153 5.50 9.01 -21.81
C SER A 153 4.32 8.08 -21.45
N PRO A 154 3.71 7.38 -22.42
CA PRO A 154 2.59 6.48 -22.06
C PRO A 154 3.09 5.25 -21.29
N THR A 155 4.41 4.93 -21.37
CA THR A 155 4.92 3.81 -20.59
C THR A 155 5.01 4.21 -19.10
N VAL A 156 5.33 5.51 -18.78
CA VAL A 156 5.29 6.05 -17.41
C VAL A 156 3.81 6.00 -16.88
N GLU A 157 2.87 6.48 -17.69
CA GLU A 157 1.46 6.49 -17.30
C GLU A 157 0.94 5.07 -17.07
N GLU A 158 1.42 4.12 -17.88
CA GLU A 158 1.03 2.71 -17.81
C GLU A 158 1.46 2.15 -16.44
N SER A 159 2.69 2.47 -15.98
CA SER A 159 3.26 2.08 -14.68
C SER A 159 2.42 2.69 -13.58
N ARG A 160 2.12 4.00 -13.69
CA ARG A 160 1.28 4.72 -12.72
C ARG A 160 -0.16 4.16 -12.60
N THR A 161 -0.77 3.76 -13.74
CA THR A 161 -2.14 3.21 -13.76
C THR A 161 -2.20 1.82 -13.12
N ILE A 162 -1.31 0.96 -13.50
CA ILE A 162 -1.20 -0.42 -12.95
C ILE A 162 -0.99 -0.38 -11.42
N ARG A 163 -0.11 0.50 -10.95
N ARG A 163 -0.10 0.52 -10.96
CA ARG A 163 0.16 0.64 -9.51
CA ARG A 163 0.19 0.71 -9.52
C ARG A 163 -1.09 1.09 -8.74
C ARG A 163 -1.09 1.08 -8.76
N VAL A 164 -1.87 2.03 -9.29
CA VAL A 164 -3.15 2.47 -8.67
C VAL A 164 -4.12 1.28 -8.61
N LEU A 165 -4.23 0.53 -9.75
CA LEU A 165 -5.20 -0.60 -9.88
C LEU A 165 -4.87 -1.73 -8.89
N LYS A 166 -3.58 -2.00 -8.73
CA LYS A 166 -3.11 -3.01 -7.78
C LYS A 166 -3.31 -2.52 -6.34
N MET A 167 -3.06 -1.23 -6.07
CA MET A 167 -3.25 -0.62 -4.73
C MET A 167 -4.73 -0.60 -4.25
N VAL A 168 -5.66 -0.20 -5.11
CA VAL A 168 -7.08 -0.10 -4.73
C VAL A 168 -7.76 -1.43 -4.49
N GLU A 169 -7.28 -2.51 -5.12
CA GLU A 169 -7.97 -3.81 -5.06
C GLU A 169 -8.30 -4.23 -3.61
N PRO A 170 -7.31 -4.31 -2.66
CA PRO A 170 -7.65 -4.66 -1.28
C PRO A 170 -8.72 -3.77 -0.63
N TRP A 171 -8.92 -2.54 -1.11
CA TRP A 171 -9.94 -1.66 -0.53
C TRP A 171 -11.33 -1.94 -1.08
N LEU A 172 -11.43 -2.71 -2.20
CA LEU A 172 -12.67 -3.13 -2.88
C LEU A 172 -13.15 -4.43 -2.26
N LYS A 173 -14.10 -4.33 -1.34
CA LYS A 173 -14.60 -5.49 -0.60
C LYS A 173 -16.07 -5.46 -0.76
N ASN A 174 -16.52 -5.87 -1.96
CA ASN A 174 -17.92 -5.90 -2.33
C ASN A 174 -18.55 -4.52 -2.06
N ASN A 175 -17.87 -3.44 -2.47
CA ASN A 175 -18.38 -2.12 -2.19
C ASN A 175 -18.54 -1.27 -3.43
N GLN A 176 -19.14 -0.08 -3.25
CA GLN A 176 -19.31 0.90 -4.34
C GLN A 176 -17.92 1.46 -4.66
N PHE A 177 -17.67 1.81 -5.94
CA PHE A 177 -16.37 2.42 -6.29
C PHE A 177 -16.42 3.31 -7.53
N CYS A 178 -15.45 4.22 -7.59
CA CYS A 178 -15.20 5.13 -8.72
C CYS A 178 -13.72 5.38 -8.70
N ILE A 179 -12.99 4.79 -9.64
CA ILE A 179 -11.52 4.84 -9.67
C ILE A 179 -11.01 5.41 -10.98
N LYS A 180 -10.21 6.46 -10.93
CA LYS A 180 -9.62 7.02 -12.12
C LYS A 180 -8.62 6.04 -12.73
N VAL A 181 -8.66 5.87 -14.08
N VAL A 181 -8.67 5.87 -14.07
CA VAL A 181 -7.74 5.05 -14.86
CA VAL A 181 -7.69 5.06 -14.79
C VAL A 181 -7.05 6.03 -15.82
C VAL A 181 -7.03 6.00 -15.81
N LEU A 182 -5.84 6.53 -15.43
CA LEU A 182 -5.08 7.52 -16.18
C LEU A 182 -4.93 7.19 -17.65
N ASN A 183 -4.41 5.99 -17.89
CA ASN A 183 -4.12 5.48 -19.21
C ASN A 183 -4.81 4.12 -19.35
N PRO A 184 -6.01 4.06 -19.96
CA PRO A 184 -6.70 2.77 -20.09
C PRO A 184 -6.40 2.08 -21.42
N TYR A 185 -5.62 2.71 -22.34
CA TYR A 185 -5.42 2.15 -23.70
C TYR A 185 -4.21 1.26 -23.85
N MET A 186 -3.27 1.32 -22.87
CA MET A 186 -2.05 0.49 -22.95
C MET A 186 -2.43 -0.97 -22.76
N PRO A 187 -1.98 -1.88 -23.68
CA PRO A 187 -2.40 -3.30 -23.61
C PRO A 187 -2.29 -3.99 -22.25
N THR A 188 -1.23 -3.74 -21.48
CA THR A 188 -1.11 -4.43 -20.20
C THR A 188 -2.12 -3.85 -19.20
N VAL A 189 -2.51 -2.54 -19.34
CA VAL A 189 -3.58 -1.96 -18.50
C VAL A 189 -4.93 -2.66 -18.81
N ILE A 190 -5.25 -2.88 -20.11
CA ILE A 190 -6.47 -3.58 -20.54
C ILE A 190 -6.56 -4.99 -19.87
N GLU A 191 -5.44 -5.73 -19.86
CA GLU A 191 -5.34 -7.06 -19.23
C GLU A 191 -5.72 -6.95 -17.78
N HIS A 192 -5.12 -6.00 -17.04
CA HIS A 192 -5.46 -5.82 -15.61
C HIS A 192 -6.92 -5.47 -15.35
N LEU A 193 -7.48 -4.52 -16.14
CA LEU A 193 -8.87 -4.07 -16.03
C LEU A 193 -9.83 -5.21 -16.30
N GLU A 194 -9.56 -6.02 -17.34
CA GLU A 194 -10.42 -7.15 -17.68
C GLU A 194 -10.47 -8.15 -16.53
N ARG A 195 -9.31 -8.48 -15.91
CA ARG A 195 -9.24 -9.37 -14.73
C ARG A 195 -10.06 -8.75 -13.56
N LEU A 196 -9.89 -7.46 -13.33
CA LEU A 196 -10.57 -6.75 -12.26
C LEU A 196 -12.09 -6.70 -12.49
N GLN A 197 -12.53 -6.54 -13.75
CA GLN A 197 -13.95 -6.50 -14.11
C GLN A 197 -14.61 -7.89 -13.87
N ARG A 198 -13.87 -8.99 -14.16
CA ARG A 198 -14.34 -10.37 -13.94
C ARG A 198 -14.59 -10.61 -12.46
N LYS A 199 -13.67 -10.14 -11.61
CA LYS A 199 -13.73 -10.31 -10.17
C LYS A 199 -14.70 -9.37 -9.48
N HIS A 200 -14.71 -8.07 -9.85
CA HIS A 200 -15.44 -7.02 -9.15
C HIS A 200 -16.59 -6.36 -9.93
N GLY A 201 -16.76 -6.69 -11.19
CA GLY A 201 -17.82 -6.08 -12.00
C GLY A 201 -17.52 -4.63 -12.34
N GLY A 202 -18.54 -3.91 -12.76
CA GLY A 202 -18.42 -2.50 -13.13
C GLY A 202 -18.05 -2.27 -14.58
N MET A 203 -17.72 -1.00 -14.92
CA MET A 203 -17.45 -0.70 -16.32
C MET A 203 -16.54 0.53 -16.30
N LEU A 204 -15.82 0.78 -17.41
CA LEU A 204 -14.95 1.94 -17.57
C LEU A 204 -15.78 2.98 -18.30
N VAL A 205 -15.85 4.18 -17.75
CA VAL A 205 -16.65 5.24 -18.36
C VAL A 205 -15.85 6.52 -18.60
N ARG A 206 -16.14 7.22 -19.73
CA ARG A 206 -15.55 8.49 -20.08
C ARG A 206 -16.46 9.60 -19.59
N ASN A 207 -15.92 10.45 -18.71
CA ASN A 207 -16.62 11.60 -18.14
C ASN A 207 -16.58 12.77 -19.16
N PRO A 208 -17.73 13.41 -19.53
CA PRO A 208 -17.67 14.56 -20.48
C PRO A 208 -16.90 15.78 -20.01
N LEU A 209 -16.72 15.91 -18.69
N LEU A 209 -16.72 15.91 -18.69
CA LEU A 209 -16.01 17.02 -18.06
CA LEU A 209 -16.01 17.05 -18.08
C LEU A 209 -14.49 16.86 -18.15
C LEU A 209 -14.48 16.86 -18.16
N SER A 210 -14.02 15.69 -18.62
CA SER A 210 -12.58 15.42 -18.78
C SER A 210 -12.08 16.18 -20.03
N ARG A 211 -10.90 16.81 -19.94
CA ARG A 211 -10.31 17.53 -21.04
C ARG A 211 -9.81 16.58 -22.13
N ASN A 212 -9.70 17.06 -23.37
CA ASN A 212 -9.20 16.23 -24.48
C ASN A 212 -7.70 15.95 -24.29
N SER A 213 -7.01 16.71 -23.44
CA SER A 213 -5.58 16.48 -23.19
C SER A 213 -5.30 15.22 -22.32
N THR A 214 -6.35 14.52 -21.84
CA THR A 214 -6.17 13.28 -21.08
C THR A 214 -7.10 12.19 -21.59
N HIS A 215 -6.63 10.95 -21.58
CA HIS A 215 -7.40 9.78 -22.02
C HIS A 215 -8.06 9.10 -20.83
N GLU A 216 -8.00 9.74 -19.66
CA GLU A 216 -8.57 9.18 -18.44
C GLU A 216 -9.99 8.66 -18.60
N MET A 217 -10.27 7.52 -17.98
CA MET A 217 -11.60 6.94 -17.89
C MET A 217 -11.81 6.48 -16.46
N TYR A 218 -13.05 6.34 -16.02
CA TYR A 218 -13.25 5.95 -14.65
C TYR A 218 -13.88 4.57 -14.57
N TRP A 219 -13.27 3.66 -13.79
CA TRP A 219 -13.85 2.33 -13.51
C TRP A 219 -14.90 2.57 -12.40
N ILE A 220 -16.19 2.42 -12.73
CA ILE A 220 -17.28 2.64 -11.79
C ILE A 220 -17.96 1.30 -11.45
N SER A 221 -18.47 1.15 -10.22
CA SER A 221 -19.07 -0.12 -9.78
C SER A 221 -20.42 -0.51 -10.40
N ASN A 222 -21.28 0.45 -10.81
CA ASN A 222 -22.62 0.11 -11.32
C ASN A 222 -22.80 0.27 -12.82
N GLY A 223 -22.41 -0.76 -13.54
CA GLY A 223 -22.53 -0.79 -14.99
C GLY A 223 -21.83 -2.00 -15.55
N THR A 224 -22.06 -2.25 -16.81
CA THR A 224 -21.47 -3.40 -17.51
C THR A 224 -21.07 -2.95 -18.91
N GLY A 225 -20.33 -3.78 -19.62
CA GLY A 225 -19.90 -3.49 -20.97
C GLY A 225 -18.52 -4.00 -21.32
N ASN A 226 -18.18 -3.85 -22.60
CA ASN A 226 -16.92 -4.27 -23.17
C ASN A 226 -15.89 -3.10 -23.02
N ILE A 227 -14.83 -3.28 -22.18
CA ILE A 227 -13.80 -2.28 -21.85
C ILE A 227 -13.00 -1.83 -23.07
N VAL A 228 -12.50 -2.78 -23.88
CA VAL A 228 -11.70 -2.51 -25.09
C VAL A 228 -12.49 -1.62 -26.04
N SER A 229 -13.75 -1.99 -26.28
CA SER A 229 -14.67 -1.27 -27.13
C SER A 229 -14.93 0.14 -26.61
N SER A 230 -15.16 0.34 -25.27
CA SER A 230 -15.35 1.69 -24.76
C SER A 230 -14.05 2.53 -24.84
N VAL A 231 -12.87 1.93 -24.57
CA VAL A 231 -11.56 2.60 -24.69
C VAL A 231 -11.29 3.09 -26.13
N ASN A 232 -11.49 2.22 -27.13
CA ASN A 232 -11.24 2.58 -28.53
C ASN A 232 -12.20 3.67 -29.02
N MET A 233 -13.44 3.67 -28.52
CA MET A 233 -14.41 4.73 -28.80
C MET A 233 -13.86 6.09 -28.34
N VAL A 234 -13.25 6.16 -27.14
CA VAL A 234 -12.63 7.41 -26.64
C VAL A 234 -11.42 7.79 -27.49
N SER A 235 -10.56 6.82 -27.86
CA SER A 235 -9.37 7.13 -28.69
C SER A 235 -9.80 7.76 -30.02
N ARG A 236 -10.87 7.23 -30.65
CA ARG A 236 -11.43 7.72 -31.89
C ARG A 236 -12.02 9.12 -31.72
N LEU A 237 -12.81 9.33 -30.65
CA LEU A 237 -13.35 10.64 -30.34
C LEU A 237 -12.17 11.65 -30.19
N LEU A 238 -11.18 11.31 -29.35
CA LEU A 238 -10.06 12.22 -29.12
C LEU A 238 -9.26 12.48 -30.39
N LEU A 239 -9.11 11.47 -31.25
CA LEU A 239 -8.39 11.67 -32.53
C LEU A 239 -9.15 12.58 -33.47
N ASN A 240 -10.48 12.45 -33.49
CA ASN A 240 -11.35 13.28 -34.34
C ASN A 240 -11.30 14.76 -33.90
N ARG A 241 -11.03 15.03 -32.62
CA ARG A 241 -11.03 16.40 -32.15
C ARG A 241 -9.77 17.15 -32.56
N PHE A 242 -8.76 16.46 -33.16
CA PHE A 242 -7.59 17.14 -33.72
C PHE A 242 -7.93 17.64 -35.15
N THR A 243 -8.97 17.07 -35.80
CA THR A 243 -9.30 17.30 -37.22
C THR A 243 -10.11 18.55 -37.53
N MET A 244 -10.72 19.19 -36.53
CA MET A 244 -11.47 20.39 -36.88
C MET A 244 -11.16 21.55 -35.94
N THR A 245 -11.48 22.78 -36.38
CA THR A 245 -11.31 24.01 -35.63
C THR A 245 -11.91 23.84 -34.23
N HIS A 246 -11.28 24.45 -33.19
CA HIS A 246 -11.79 24.40 -31.81
C HIS A 246 -13.31 24.64 -31.75
N ARG A 247 -14.02 23.75 -31.04
CA ARG A 247 -15.43 23.82 -30.68
C ARG A 247 -15.44 24.32 -29.25
N ARG A 248 -16.10 25.44 -28.99
CA ARG A 248 -16.13 25.98 -27.64
C ARG A 248 -16.89 25.01 -26.73
N PRO A 249 -16.46 24.88 -25.46
CA PRO A 249 -17.09 23.88 -24.60
C PRO A 249 -18.51 24.20 -24.17
N THR A 250 -19.29 23.15 -23.79
CA THR A 250 -20.60 23.39 -23.20
C THR A 250 -20.31 23.94 -21.79
N ILE A 251 -20.81 25.15 -21.45
CA ILE A 251 -20.53 25.73 -20.12
C ILE A 251 -21.75 25.59 -19.21
N GLU A 252 -21.61 24.83 -18.11
CA GLU A 252 -22.70 24.57 -17.15
C GLU A 252 -22.51 25.33 -15.83
N LYS A 253 -23.61 25.46 -15.05
CA LYS A 253 -23.53 26.09 -13.72
C LYS A 253 -22.67 25.16 -12.87
N ASP A 254 -21.86 25.73 -11.98
CA ASP A 254 -21.08 24.90 -11.05
C ASP A 254 -22.07 24.44 -9.93
N VAL A 255 -21.65 23.46 -9.14
CA VAL A 255 -22.45 22.87 -8.08
C VAL A 255 -22.52 23.78 -6.85
N ASP A 256 -23.67 23.77 -6.16
CA ASP A 256 -23.84 24.51 -4.90
C ASP A 256 -23.88 23.41 -3.84
N LEU A 257 -22.89 23.38 -2.95
CA LEU A 257 -22.82 22.36 -1.90
C LEU A 257 -23.41 22.79 -0.58
N GLY A 258 -24.17 23.88 -0.58
CA GLY A 258 -24.87 24.38 0.60
C GLY A 258 -24.04 24.72 1.82
N ALA A 259 -24.70 24.66 3.00
CA ALA A 259 -24.07 25.01 4.27
C ALA A 259 -24.70 24.21 5.40
N GLY A 260 -24.00 24.12 6.53
CA GLY A 260 -24.54 23.53 7.75
C GLY A 260 -24.17 22.09 8.05
N THR A 261 -24.45 21.67 9.30
CA THR A 261 -24.14 20.29 9.70
C THR A 261 -25.21 19.31 9.19
N ARG A 262 -24.86 17.99 9.18
CA ARG A 262 -25.80 16.89 8.87
C ARG A 262 -26.07 16.12 10.17
N GLU B 7 11.82 -22.69 -13.61
CA GLU B 7 12.56 -22.65 -12.35
C GLU B 7 12.89 -21.20 -11.98
N THR B 8 12.61 -20.85 -10.74
CA THR B 8 12.82 -19.50 -10.24
C THR B 8 14.27 -19.21 -9.94
N LEU B 9 14.65 -17.91 -9.96
CA LEU B 9 15.98 -17.46 -9.57
C LEU B 9 16.31 -17.93 -8.12
N GLY B 10 15.32 -17.83 -7.23
CA GLY B 10 15.43 -18.24 -5.84
C GLY B 10 15.81 -19.70 -5.73
N GLU B 11 15.28 -20.56 -6.63
CA GLU B 11 15.66 -22.00 -6.59
C GLU B 11 17.10 -22.23 -7.04
N LYS B 12 17.59 -21.43 -8.01
CA LYS B 12 18.98 -21.51 -8.50
C LYS B 12 19.89 -20.96 -7.40
N TRP B 13 19.40 -19.97 -6.62
CA TRP B 13 20.15 -19.49 -5.46
C TRP B 13 20.23 -20.61 -4.40
N LYS B 14 19.08 -21.31 -4.13
CA LYS B 14 19.02 -22.41 -3.17
C LYS B 14 19.97 -23.58 -3.49
N LYS B 15 20.04 -24.00 -4.77
CA LYS B 15 20.92 -25.07 -5.26
C LYS B 15 22.38 -24.72 -5.00
N LYS B 16 22.76 -23.46 -5.33
CA LYS B 16 24.10 -22.92 -5.16
C LYS B 16 24.47 -22.89 -3.69
N LEU B 17 23.58 -22.34 -2.83
CA LEU B 17 23.76 -22.27 -1.40
C LEU B 17 24.07 -23.65 -0.81
N ASN B 18 23.30 -24.69 -1.23
CA ASN B 18 23.44 -26.09 -0.83
C ASN B 18 24.73 -26.75 -1.31
N GLN B 19 25.45 -26.15 -2.29
CA GLN B 19 26.71 -26.75 -2.76
C GLN B 19 27.87 -26.26 -1.91
N LEU B 20 27.92 -24.96 -1.56
CA LEU B 20 29.00 -24.36 -0.76
C LEU B 20 29.54 -25.22 0.36
N SER B 21 30.86 -25.19 0.60
CA SER B 21 31.45 -25.90 1.74
C SER B 21 30.97 -25.21 3.03
N ARG B 22 31.28 -25.78 4.19
CA ARG B 22 30.86 -25.18 5.45
C ARG B 22 31.54 -23.82 5.65
N LYS B 23 32.84 -23.70 5.31
CA LYS B 23 33.60 -22.45 5.44
C LYS B 23 33.11 -21.36 4.46
N GLU B 24 32.89 -21.72 3.18
CA GLU B 24 32.43 -20.80 2.12
C GLU B 24 31.08 -20.20 2.48
N PHE B 25 30.19 -21.01 3.09
CA PHE B 25 28.87 -20.61 3.55
C PHE B 25 29.00 -19.56 4.66
N ASP B 26 29.94 -19.77 5.61
CA ASP B 26 30.19 -18.85 6.73
C ASP B 26 30.69 -17.50 6.25
N LEU B 27 31.51 -17.50 5.18
CA LEU B 27 32.00 -16.28 4.58
C LEU B 27 30.86 -15.61 3.79
N TYR B 28 30.15 -16.37 2.94
CA TYR B 28 29.04 -15.88 2.13
C TYR B 28 27.90 -15.25 2.94
N LYS B 29 27.47 -15.92 4.03
CA LYS B 29 26.30 -15.50 4.83
C LYS B 29 26.33 -14.08 5.37
N LYS B 30 27.54 -13.50 5.60
CA LYS B 30 27.67 -12.14 6.13
C LYS B 30 28.14 -11.09 5.11
N SER B 31 28.47 -11.49 3.86
CA SER B 31 29.02 -10.58 2.84
C SER B 31 28.06 -9.45 2.45
N GLY B 32 28.48 -8.21 2.75
CA GLY B 32 27.75 -6.99 2.46
C GLY B 32 26.53 -6.77 3.34
N ILE B 33 26.31 -7.63 4.35
CA ILE B 33 25.12 -7.47 5.22
C ILE B 33 25.32 -6.37 6.29
N THR B 34 24.22 -6.01 6.95
CA THR B 34 24.27 -5.11 8.07
C THR B 34 24.12 -5.99 9.31
N GLU B 35 24.81 -5.62 10.38
CA GLU B 35 24.73 -6.41 11.60
C GLU B 35 25.00 -5.54 12.83
N VAL B 36 24.26 -5.81 13.91
CA VAL B 36 24.47 -5.08 15.15
C VAL B 36 25.56 -5.77 15.98
N ASP B 37 26.35 -4.97 16.70
CA ASP B 37 27.38 -5.48 17.58
C ASP B 37 26.70 -5.98 18.87
N ARG B 38 26.65 -7.32 19.09
CA ARG B 38 26.01 -7.94 20.25
C ARG B 38 26.96 -8.24 21.44
N THR B 39 28.22 -7.79 21.40
CA THR B 39 29.25 -8.07 22.39
C THR B 39 28.88 -7.68 23.82
N GLU B 40 28.54 -6.39 24.04
CA GLU B 40 28.18 -5.84 25.35
C GLU B 40 26.93 -6.53 25.86
N ALA B 41 25.89 -6.65 24.99
CA ALA B 41 24.61 -7.23 25.36
C ALA B 41 24.76 -8.69 25.75
N LYS B 42 25.56 -9.47 24.98
CA LYS B 42 25.81 -10.89 25.33
C LYS B 42 26.43 -11.05 26.71
N GLU B 43 27.43 -10.20 27.05
CA GLU B 43 28.11 -10.24 28.34
C GLU B 43 27.15 -9.83 29.47
N GLY B 44 26.34 -8.79 29.24
CA GLY B 44 25.35 -8.29 30.21
C GLY B 44 24.35 -9.36 30.61
N LEU B 45 23.78 -10.04 29.60
CA LEU B 45 22.80 -11.12 29.74
C LEU B 45 23.38 -12.33 30.47
N LYS B 46 24.66 -12.61 30.25
CA LYS B 46 25.36 -13.70 30.93
C LYS B 46 25.60 -13.33 32.41
N ARG B 47 25.71 -12.03 32.73
CA ARG B 47 25.88 -11.52 34.11
C ARG B 47 24.50 -11.33 34.82
N GLY B 48 23.43 -11.66 34.10
CA GLY B 48 22.05 -11.55 34.58
C GLY B 48 21.47 -10.16 34.57
N GLU B 49 22.06 -9.23 33.78
CA GLU B 49 21.58 -7.84 33.67
C GLU B 49 20.21 -7.79 32.96
N THR B 50 19.28 -7.03 33.51
CA THR B 50 17.91 -6.98 33.00
C THR B 50 17.51 -5.66 32.39
N THR B 51 18.40 -4.67 32.40
CA THR B 51 18.06 -3.36 31.82
C THR B 51 18.92 -3.14 30.58
N HIS B 52 18.44 -2.28 29.65
CA HIS B 52 19.08 -1.81 28.42
C HIS B 52 19.26 -2.82 27.31
N HIS B 53 19.84 -3.98 27.61
CA HIS B 53 20.13 -4.98 26.58
C HIS B 53 18.90 -5.53 25.89
N ALA B 54 19.00 -5.77 24.57
CA ALA B 54 18.02 -6.50 23.76
C ALA B 54 18.37 -7.97 24.02
N VAL B 55 17.38 -8.85 24.20
CA VAL B 55 17.65 -10.29 24.50
C VAL B 55 18.21 -11.07 23.29
N SER B 56 18.00 -10.54 22.09
CA SER B 56 18.40 -11.17 20.85
C SER B 56 18.63 -10.09 19.80
N ARG B 57 19.07 -10.50 18.62
CA ARG B 57 19.25 -9.65 17.43
C ARG B 57 17.90 -9.16 16.89
N GLY B 58 16.81 -9.76 17.37
CA GLY B 58 15.45 -9.47 16.92
C GLY B 58 14.96 -8.05 17.14
N SER B 59 15.38 -7.40 18.26
CA SER B 59 14.99 -6.03 18.58
C SER B 59 15.45 -5.05 17.51
N ALA B 60 16.78 -5.01 17.16
CA ALA B 60 17.32 -4.18 16.09
C ALA B 60 16.69 -4.57 14.72
N LYS B 61 16.41 -5.87 14.50
CA LYS B 61 15.77 -6.33 13.25
C LYS B 61 14.36 -5.70 13.03
N LEU B 62 13.51 -5.66 14.06
CA LEU B 62 12.17 -5.06 13.94
C LEU B 62 12.30 -3.53 13.92
N GLN B 63 13.25 -2.97 14.68
CA GLN B 63 13.49 -1.53 14.68
C GLN B 63 13.72 -1.06 13.24
N TRP B 64 14.46 -1.83 12.45
CA TRP B 64 14.68 -1.49 11.05
C TRP B 64 13.38 -1.22 10.29
N PHE B 65 12.37 -2.09 10.43
CA PHE B 65 11.06 -1.88 9.79
C PHE B 65 10.30 -0.70 10.43
N VAL B 66 10.26 -0.66 11.79
CA VAL B 66 9.52 0.38 12.54
C VAL B 66 10.06 1.79 12.24
N GLU B 67 11.38 1.97 12.15
CA GLU B 67 11.86 3.35 11.94
C GLU B 67 11.64 3.81 10.47
N ARG B 68 11.15 2.90 9.59
CA ARG B 68 10.82 3.22 8.19
C ARG B 68 9.30 3.17 7.97
N ASN B 69 8.51 3.15 9.07
CA ASN B 69 7.05 3.17 8.99
C ASN B 69 6.41 1.94 8.29
N MET B 70 7.16 0.84 8.10
CA MET B 70 6.67 -0.38 7.44
C MET B 70 5.61 -1.10 8.26
N VAL B 71 5.72 -0.96 9.57
CA VAL B 71 4.73 -1.46 10.52
C VAL B 71 4.79 -0.42 11.66
N ILE B 72 3.63 -0.07 12.22
CA ILE B 72 3.55 0.90 13.31
C ILE B 72 2.97 0.12 14.48
N PRO B 73 3.78 -0.49 15.35
CA PRO B 73 3.20 -1.19 16.51
C PRO B 73 2.43 -0.19 17.35
N GLU B 74 1.20 -0.55 17.68
CA GLU B 74 0.26 0.28 18.44
C GLU B 74 -0.79 -0.60 19.08
N GLY B 75 -1.34 -0.13 20.20
CA GLY B 75 -2.37 -0.79 20.98
C GLY B 75 -1.97 -2.14 21.51
N ARG B 76 -2.85 -3.14 21.30
CA ARG B 76 -2.64 -4.54 21.71
C ARG B 76 -1.78 -5.21 20.63
N VAL B 77 -0.54 -5.55 20.99
CA VAL B 77 0.44 -6.22 20.12
C VAL B 77 0.46 -7.70 20.44
N ILE B 78 0.26 -8.52 19.41
CA ILE B 78 0.37 -9.97 19.50
C ILE B 78 1.69 -10.33 18.82
N ASP B 79 2.55 -11.09 19.51
CA ASP B 79 3.85 -11.52 18.98
C ASP B 79 3.91 -13.04 18.94
N LEU B 80 3.65 -13.62 17.75
CA LEU B 80 3.62 -15.07 17.44
C LEU B 80 5.02 -15.57 17.20
N GLY B 81 5.39 -16.60 17.97
CA GLY B 81 6.74 -17.14 17.97
C GLY B 81 7.69 -16.10 18.53
N CYS B 82 7.44 -15.65 19.80
CA CYS B 82 8.21 -14.60 20.43
C CYS B 82 9.65 -15.01 20.81
N GLY B 83 9.89 -16.32 21.00
CA GLY B 83 11.17 -16.87 21.42
C GLY B 83 11.65 -16.20 22.71
N ARG B 84 12.87 -15.66 22.69
CA ARG B 84 13.49 -14.93 23.83
C ARG B 84 12.71 -13.66 24.21
N GLY B 85 12.08 -13.01 23.22
CA GLY B 85 11.25 -11.82 23.42
C GLY B 85 11.74 -10.54 22.76
N GLY B 86 12.69 -10.65 21.84
CA GLY B 86 13.30 -9.50 21.17
C GLY B 86 12.31 -8.52 20.58
N TRP B 87 11.27 -9.01 19.89
CA TRP B 87 10.27 -8.14 19.25
C TRP B 87 9.34 -7.55 20.28
N SER B 88 8.93 -8.36 21.22
CA SER B 88 8.06 -7.97 22.35
C SER B 88 8.65 -6.87 23.20
N TYR B 89 9.92 -7.03 23.64
CA TYR B 89 10.53 -5.98 24.48
C TYR B 89 10.77 -4.67 23.73
N TYR B 90 11.05 -4.75 22.41
CA TYR B 90 11.25 -3.56 21.57
C TYR B 90 9.90 -2.80 21.48
N CYS B 91 8.80 -3.52 21.18
CA CYS B 91 7.46 -2.92 21.11
C CYS B 91 7.02 -2.29 22.43
N ALA B 92 7.38 -2.91 23.58
CA ALA B 92 7.01 -2.46 24.93
C ALA B 92 7.41 -1.02 25.22
N GLY B 93 8.51 -0.58 24.61
CA GLY B 93 9.00 0.79 24.79
C GLY B 93 8.38 1.83 23.88
N LEU B 94 7.49 1.42 22.94
CA LEU B 94 6.89 2.33 21.99
C LEU B 94 5.61 3.00 22.53
N LYS B 95 5.54 4.32 22.36
CA LYS B 95 4.46 5.21 22.84
C LYS B 95 3.03 4.73 22.53
N LYS B 96 2.78 4.33 21.28
CA LYS B 96 1.45 3.89 20.85
C LYS B 96 1.05 2.49 21.35
N VAL B 97 2.02 1.70 21.81
CA VAL B 97 1.78 0.34 22.30
C VAL B 97 1.23 0.42 23.73
N THR B 98 0.12 -0.30 23.98
CA THR B 98 -0.51 -0.33 25.30
C THR B 98 -0.37 -1.71 25.97
N GLU B 99 -0.25 -2.78 25.18
CA GLU B 99 -0.16 -4.15 25.70
C GLU B 99 0.61 -5.02 24.73
N VAL B 100 1.52 -5.87 25.25
CA VAL B 100 2.27 -6.82 24.41
C VAL B 100 2.02 -8.25 24.95
N ARG B 101 1.51 -9.13 24.11
CA ARG B 101 1.32 -10.52 24.49
C ARG B 101 2.14 -11.33 23.49
N GLY B 102 3.13 -12.07 23.99
CA GLY B 102 3.99 -12.91 23.16
C GLY B 102 3.70 -14.37 23.40
N TYR B 103 3.75 -15.19 22.34
CA TYR B 103 3.48 -16.64 22.44
C TYR B 103 4.61 -17.39 21.79
N THR B 104 5.14 -18.44 22.45
CA THR B 104 6.24 -19.20 21.86
C THR B 104 6.10 -20.65 22.28
N LYS B 105 6.55 -21.58 21.45
CA LYS B 105 6.49 -23.03 21.68
C LYS B 105 7.29 -23.44 22.91
N GLY B 106 8.54 -23.00 23.01
CA GLY B 106 9.43 -23.39 24.11
C GLY B 106 9.75 -24.86 24.01
N GLY B 107 10.31 -25.41 25.08
CA GLY B 107 10.64 -26.83 25.14
C GLY B 107 11.96 -27.21 24.51
N PRO B 108 12.23 -28.52 24.36
CA PRO B 108 13.52 -28.95 23.81
C PRO B 108 13.83 -28.48 22.39
N GLY B 109 14.95 -27.76 22.27
CA GLY B 109 15.47 -27.24 21.01
C GLY B 109 14.86 -25.92 20.57
N HIS B 110 14.06 -25.28 21.47
CA HIS B 110 13.36 -24.02 21.22
C HIS B 110 13.59 -23.03 22.32
N GLU B 111 13.86 -21.78 21.93
CA GLU B 111 14.18 -20.64 22.79
C GLU B 111 13.10 -20.38 23.81
N GLU B 112 13.53 -20.04 25.02
CA GLU B 112 12.59 -19.72 26.09
C GLU B 112 12.55 -18.20 26.32
N PRO B 113 11.38 -17.62 26.70
CA PRO B 113 11.32 -16.17 26.93
C PRO B 113 12.27 -15.76 28.06
N VAL B 114 13.01 -14.68 27.85
CA VAL B 114 13.97 -14.18 28.83
C VAL B 114 13.31 -13.06 29.61
N PRO B 115 13.17 -13.16 30.94
CA PRO B 115 12.58 -12.05 31.73
C PRO B 115 13.54 -10.86 31.78
N MET B 116 13.02 -9.67 31.46
CA MET B 116 13.78 -8.43 31.43
C MET B 116 13.03 -7.34 32.11
N SER B 117 13.74 -6.24 32.39
CA SER B 117 13.19 -5.04 32.98
C SER B 117 13.50 -3.82 32.12
N THR B 118 13.53 -4.00 30.77
CA THR B 118 13.76 -2.92 29.84
C THR B 118 12.51 -2.01 29.85
N TYR B 119 12.63 -0.78 29.31
CA TYR B 119 11.54 0.18 29.33
C TYR B 119 10.22 -0.39 28.83
N GLY B 120 9.22 -0.37 29.71
CA GLY B 120 7.90 -0.87 29.41
C GLY B 120 7.70 -2.37 29.60
N TRP B 121 8.62 -3.05 30.33
CA TRP B 121 8.53 -4.50 30.60
C TRP B 121 7.18 -4.93 31.19
N ASN B 122 6.60 -4.07 32.03
CA ASN B 122 5.36 -4.33 32.78
C ASN B 122 4.13 -4.51 31.92
N ILE B 123 4.17 -4.10 30.65
CA ILE B 123 3.03 -4.28 29.73
C ILE B 123 3.23 -5.52 28.84
N VAL B 124 4.30 -6.31 29.11
CA VAL B 124 4.67 -7.51 28.34
C VAL B 124 4.32 -8.77 29.11
N LYS B 125 3.74 -9.75 28.42
CA LYS B 125 3.44 -11.07 29.01
C LYS B 125 3.86 -12.08 27.98
N LEU B 126 4.97 -12.79 28.23
CA LEU B 126 5.47 -13.79 27.30
C LEU B 126 5.03 -15.14 27.80
N MET B 127 4.35 -15.92 26.94
CA MET B 127 3.85 -17.22 27.35
C MET B 127 4.50 -18.35 26.56
N SER B 128 5.17 -19.28 27.27
CA SER B 128 5.79 -20.45 26.64
C SER B 128 4.84 -21.65 26.68
N GLY B 129 5.21 -22.72 25.98
CA GLY B 129 4.39 -23.94 25.87
C GLY B 129 3.14 -23.68 25.06
N LYS B 130 3.19 -22.71 24.14
CA LYS B 130 2.06 -22.32 23.30
C LYS B 130 2.32 -22.53 21.82
N ASP B 131 1.48 -23.35 21.17
CA ASP B 131 1.55 -23.60 19.74
C ASP B 131 0.55 -22.65 19.08
N VAL B 132 1.07 -21.67 18.34
CA VAL B 132 0.28 -20.62 17.69
C VAL B 132 -0.72 -21.19 16.67
N PHE B 133 -0.51 -22.43 16.23
CA PHE B 133 -1.47 -23.06 15.32
C PHE B 133 -2.78 -23.43 16.05
N TYR B 134 -2.75 -23.54 17.40
CA TYR B 134 -3.92 -23.84 18.26
C TYR B 134 -4.41 -22.63 19.07
N LEU B 135 -4.01 -21.42 18.65
CA LEU B 135 -4.37 -20.16 19.28
C LEU B 135 -5.52 -19.48 18.52
N PRO B 136 -6.76 -19.41 19.05
CA PRO B 136 -7.85 -18.78 18.27
C PRO B 136 -7.60 -17.27 18.06
N PRO B 137 -7.86 -16.71 16.87
CA PRO B 137 -7.53 -15.30 16.63
C PRO B 137 -8.23 -14.32 17.58
N GLU B 138 -7.38 -13.63 18.37
CA GLU B 138 -7.76 -12.64 19.36
C GLU B 138 -7.80 -11.30 18.67
N LYS B 139 -8.72 -10.41 19.06
CA LYS B 139 -8.76 -9.07 18.47
C LYS B 139 -7.46 -8.36 18.87
N CYS B 140 -6.77 -7.78 17.89
CA CYS B 140 -5.54 -7.06 18.15
C CYS B 140 -5.35 -5.90 17.22
N ASP B 141 -4.43 -5.00 17.58
CA ASP B 141 -4.12 -3.83 16.76
C ASP B 141 -2.87 -4.02 15.89
N THR B 142 -1.94 -4.86 16.35
CA THR B 142 -0.69 -5.19 15.68
C THR B 142 -0.44 -6.68 15.78
N LEU B 143 -0.19 -7.34 14.63
CA LEU B 143 0.04 -8.77 14.59
C LEU B 143 1.44 -9.04 14.09
N LEU B 144 2.31 -9.59 14.95
CA LEU B 144 3.68 -9.88 14.55
C LEU B 144 3.87 -11.37 14.54
N CYS B 145 4.70 -11.83 13.58
CA CYS B 145 5.01 -13.23 13.42
C CYS B 145 6.39 -13.43 12.82
N ASP B 146 7.27 -14.10 13.54
CA ASP B 146 8.63 -14.35 13.10
C ASP B 146 8.94 -15.85 13.03
N ILE B 147 7.96 -16.66 12.62
CA ILE B 147 8.10 -18.11 12.55
C ILE B 147 8.49 -18.57 11.13
N GLY B 148 9.40 -19.53 11.07
CA GLY B 148 9.84 -20.16 9.82
C GLY B 148 11.19 -20.82 9.95
N GLU B 149 11.23 -22.15 10.07
CA GLU B 149 12.49 -22.87 10.21
C GLU B 149 13.05 -23.27 8.85
N SER B 150 14.30 -22.88 8.58
CA SER B 150 14.97 -23.18 7.32
C SER B 150 15.26 -24.68 7.13
N SER B 151 15.39 -25.10 5.87
CA SER B 151 15.71 -26.48 5.55
C SER B 151 16.51 -26.48 4.27
N PRO B 152 17.45 -27.43 4.07
CA PRO B 152 18.13 -27.52 2.76
C PRO B 152 17.12 -27.72 1.63
N SER B 153 15.95 -28.30 1.93
CA SER B 153 14.90 -28.57 0.94
C SER B 153 13.97 -27.36 0.69
N PRO B 154 13.89 -26.79 -0.53
CA PRO B 154 12.96 -25.67 -0.74
C PRO B 154 11.48 -26.10 -0.70
N THR B 155 11.18 -27.39 -0.91
CA THR B 155 9.80 -27.91 -0.88
C THR B 155 9.33 -28.05 0.58
N VAL B 156 10.25 -28.41 1.50
CA VAL B 156 9.99 -28.49 2.94
C VAL B 156 9.70 -27.07 3.47
N GLU B 157 10.53 -26.10 3.06
CA GLU B 157 10.38 -24.71 3.45
C GLU B 157 9.10 -24.13 2.88
N GLU B 158 8.73 -24.53 1.66
CA GLU B 158 7.50 -24.11 1.00
C GLU B 158 6.31 -24.52 1.87
N SER B 159 6.26 -25.81 2.31
CA SER B 159 5.21 -26.35 3.18
C SER B 159 5.11 -25.59 4.49
N ARG B 160 6.26 -25.28 5.12
CA ARG B 160 6.34 -24.54 6.37
C ARG B 160 5.83 -23.11 6.18
N THR B 161 6.20 -22.47 5.07
CA THR B 161 5.78 -21.10 4.75
C THR B 161 4.25 -21.00 4.56
N ILE B 162 3.67 -21.89 3.73
CA ILE B 162 2.22 -21.94 3.48
C ILE B 162 1.45 -22.10 4.82
N ARG B 163 1.91 -23.05 5.67
CA ARG B 163 1.36 -23.31 7.00
C ARG B 163 1.26 -22.03 7.82
N VAL B 164 2.36 -21.26 7.89
CA VAL B 164 2.41 -19.99 8.61
C VAL B 164 1.43 -18.97 7.99
N LEU B 165 1.39 -18.87 6.65
CA LEU B 165 0.50 -17.95 5.95
C LEU B 165 -0.98 -18.24 6.23
N LYS B 166 -1.37 -19.53 6.25
CA LYS B 166 -2.75 -19.92 6.55
C LYS B 166 -3.08 -19.66 8.02
N MET B 167 -2.09 -19.76 8.91
CA MET B 167 -2.31 -19.53 10.32
C MET B 167 -2.47 -18.02 10.63
N VAL B 168 -1.64 -17.16 10.04
CA VAL B 168 -1.68 -15.73 10.34
C VAL B 168 -2.91 -15.02 9.82
N GLU B 169 -3.37 -15.37 8.62
CA GLU B 169 -4.44 -14.74 7.89
C GLU B 169 -5.67 -14.43 8.76
N PRO B 170 -6.29 -15.34 9.55
CA PRO B 170 -7.48 -14.93 10.32
C PRO B 170 -7.25 -13.93 11.47
N TRP B 171 -5.97 -13.59 11.79
CA TRP B 171 -5.62 -12.59 12.80
C TRP B 171 -5.58 -11.22 12.14
N LEU B 172 -5.67 -11.17 10.79
CA LEU B 172 -5.55 -9.94 10.03
C LEU B 172 -6.90 -9.29 9.75
N LYS B 173 -7.20 -8.21 10.49
CA LYS B 173 -8.47 -7.50 10.41
C LYS B 173 -8.21 -5.99 10.35
N ASN B 174 -7.77 -5.48 9.18
CA ASN B 174 -7.40 -4.06 9.00
C ASN B 174 -6.55 -3.56 10.19
N ASN B 175 -5.58 -4.38 10.61
CA ASN B 175 -4.67 -4.03 11.70
C ASN B 175 -3.23 -4.00 11.19
N GLN B 176 -2.29 -3.51 12.00
CA GLN B 176 -0.89 -3.43 11.59
C GLN B 176 -0.29 -4.83 11.63
N PHE B 177 0.71 -5.13 10.77
CA PHE B 177 1.33 -6.46 10.77
C PHE B 177 2.73 -6.50 10.17
N CYS B 178 3.53 -7.49 10.59
CA CYS B 178 4.87 -7.78 10.14
C CYS B 178 5.05 -9.27 10.29
N ILE B 179 5.06 -10.00 9.15
CA ILE B 179 5.08 -11.47 9.16
C ILE B 179 6.25 -12.02 8.34
N LYS B 180 7.07 -12.90 8.98
CA LYS B 180 8.17 -13.55 8.27
C LYS B 180 7.60 -14.48 7.24
N VAL B 181 8.16 -14.40 6.02
CA VAL B 181 7.84 -15.30 4.92
C VAL B 181 9.18 -16.01 4.65
N LEU B 182 9.38 -17.19 5.28
CA LEU B 182 10.63 -17.97 5.21
C LEU B 182 11.12 -18.20 3.78
N ASN B 183 10.25 -18.77 2.96
CA ASN B 183 10.57 -19.05 1.59
C ASN B 183 9.55 -18.33 0.68
N PRO B 184 9.92 -17.15 0.16
CA PRO B 184 8.97 -16.41 -0.67
C PRO B 184 9.14 -16.66 -2.18
N TYR B 185 10.16 -17.47 -2.61
CA TYR B 185 10.42 -17.62 -4.06
C TYR B 185 9.69 -18.79 -4.75
N MET B 186 9.31 -19.84 -4.02
CA MET B 186 8.60 -20.99 -4.60
C MET B 186 7.26 -20.57 -5.23
N PRO B 187 6.95 -21.05 -6.47
CA PRO B 187 5.69 -20.66 -7.15
C PRO B 187 4.38 -20.77 -6.35
N THR B 188 4.19 -21.84 -5.55
CA THR B 188 2.96 -22.00 -4.74
C THR B 188 2.86 -20.89 -3.66
N VAL B 189 4.01 -20.48 -3.07
CA VAL B 189 4.02 -19.43 -2.04
C VAL B 189 3.66 -18.09 -2.68
N ILE B 190 4.23 -17.81 -3.86
CA ILE B 190 3.96 -16.60 -4.63
C ILE B 190 2.46 -16.47 -4.90
N GLU B 191 1.81 -17.56 -5.32
CA GLU B 191 0.37 -17.60 -5.59
C GLU B 191 -0.41 -17.26 -4.34
N HIS B 192 0.01 -17.81 -3.19
CA HIS B 192 -0.59 -17.60 -1.87
C HIS B 192 -0.46 -16.15 -1.44
N LEU B 193 0.75 -15.57 -1.57
CA LEU B 193 1.03 -14.18 -1.23
C LEU B 193 0.27 -13.19 -2.13
N GLU B 194 0.15 -13.49 -3.44
CA GLU B 194 -0.61 -12.64 -4.37
C GLU B 194 -2.08 -12.56 -3.96
N ARG B 195 -2.64 -13.72 -3.53
CA ARG B 195 -4.01 -13.90 -3.03
C ARG B 195 -4.15 -13.11 -1.71
N LEU B 196 -3.23 -13.33 -0.75
CA LEU B 196 -3.24 -12.61 0.54
C LEU B 196 -3.13 -11.09 0.34
N GLN B 197 -2.31 -10.63 -0.65
CA GLN B 197 -2.13 -9.19 -0.93
C GLN B 197 -3.38 -8.57 -1.54
N ARG B 198 -4.07 -9.29 -2.43
CA ARG B 198 -5.34 -8.82 -2.97
C ARG B 198 -6.43 -8.70 -1.88
N LYS B 199 -6.25 -9.41 -0.75
CA LYS B 199 -7.26 -9.33 0.33
C LYS B 199 -6.86 -8.34 1.43
N HIS B 200 -5.61 -8.40 1.90
CA HIS B 200 -5.16 -7.58 3.02
C HIS B 200 -4.18 -6.44 2.67
N GLY B 201 -3.70 -6.38 1.42
CA GLY B 201 -2.74 -5.35 1.04
C GLY B 201 -1.35 -5.63 1.59
N GLY B 202 -0.60 -4.58 1.87
CA GLY B 202 0.75 -4.78 2.36
C GLY B 202 1.69 -5.14 1.22
N MET B 203 2.95 -5.33 1.57
CA MET B 203 3.97 -5.64 0.59
C MET B 203 5.07 -6.53 1.25
N LEU B 204 5.85 -7.23 0.42
CA LEU B 204 6.99 -8.04 0.89
C LEU B 204 8.25 -7.17 0.86
N VAL B 205 9.00 -7.15 1.94
CA VAL B 205 10.24 -6.37 2.01
C VAL B 205 11.39 -7.20 2.52
N ARG B 206 12.59 -6.84 2.08
CA ARG B 206 13.80 -7.49 2.48
C ARG B 206 14.47 -6.64 3.56
N ASN B 207 14.86 -7.27 4.67
CA ASN B 207 15.55 -6.57 5.77
C ASN B 207 17.07 -6.71 5.57
N PRO B 208 17.87 -5.62 5.53
CA PRO B 208 19.33 -5.76 5.33
C PRO B 208 20.07 -6.44 6.46
N LEU B 209 19.42 -6.64 7.65
CA LEU B 209 19.98 -7.34 8.80
C LEU B 209 19.84 -8.87 8.60
N SER B 210 19.07 -9.32 7.58
CA SER B 210 18.93 -10.73 7.26
C SER B 210 20.27 -11.23 6.67
N ARG B 211 20.69 -12.46 7.02
CA ARG B 211 21.91 -13.03 6.46
C ARG B 211 21.66 -13.48 5.04
N ASN B 212 22.70 -13.51 4.20
CA ASN B 212 22.56 -13.92 2.78
C ASN B 212 22.18 -15.40 2.64
N SER B 213 22.31 -16.17 3.73
CA SER B 213 22.02 -17.62 3.80
C SER B 213 20.51 -17.91 3.89
N THR B 214 19.70 -16.86 3.96
CA THR B 214 18.25 -17.00 3.98
C THR B 214 17.67 -16.03 2.97
N HIS B 215 16.61 -16.46 2.29
CA HIS B 215 15.84 -15.66 1.32
C HIS B 215 14.61 -15.06 2.01
N GLU B 216 14.54 -15.13 3.35
CA GLU B 216 13.39 -14.59 4.08
C GLU B 216 13.02 -13.17 3.71
N MET B 217 11.72 -12.89 3.57
CA MET B 217 11.25 -11.54 3.33
C MET B 217 10.11 -11.31 4.32
N TYR B 218 9.75 -10.08 4.62
CA TYR B 218 8.67 -9.85 5.57
C TYR B 218 7.48 -9.20 4.92
N TRP B 219 6.29 -9.76 5.20
CA TRP B 219 5.06 -9.19 4.70
C TRP B 219 4.65 -8.10 5.70
N ILE B 220 4.76 -6.82 5.28
CA ILE B 220 4.41 -5.70 6.15
C ILE B 220 3.12 -5.09 5.68
N SER B 221 2.35 -4.49 6.59
CA SER B 221 1.04 -3.91 6.27
C SER B 221 1.07 -2.58 5.47
N ASN B 222 2.06 -1.71 5.74
CA ASN B 222 2.13 -0.38 5.15
C ASN B 222 2.92 -0.35 3.88
N GLY B 223 2.34 -0.88 2.81
CA GLY B 223 3.05 -0.92 1.54
C GLY B 223 2.17 -1.52 0.48
N THR B 224 2.62 -1.39 -0.76
CA THR B 224 1.94 -1.89 -1.94
C THR B 224 3.10 -2.22 -2.90
N GLY B 225 2.82 -2.85 -4.02
CA GLY B 225 3.86 -3.17 -4.99
C GLY B 225 3.72 -4.55 -5.59
N ASN B 226 4.63 -4.87 -6.49
CA ASN B 226 4.64 -6.15 -7.21
C ASN B 226 5.45 -7.17 -6.40
N ILE B 227 4.79 -8.23 -5.90
CA ILE B 227 5.45 -9.26 -5.05
C ILE B 227 6.54 -10.02 -5.81
N VAL B 228 6.23 -10.52 -7.02
CA VAL B 228 7.15 -11.27 -7.90
C VAL B 228 8.43 -10.46 -8.17
N SER B 229 8.27 -9.21 -8.51
CA SER B 229 9.35 -8.26 -8.83
C SER B 229 10.28 -8.11 -7.63
N SER B 230 9.71 -7.88 -6.41
CA SER B 230 10.55 -7.73 -5.21
C SER B 230 11.29 -9.03 -4.84
N VAL B 231 10.63 -10.18 -5.04
CA VAL B 231 11.24 -11.50 -4.76
C VAL B 231 12.41 -11.76 -5.72
N ASN B 232 12.23 -11.55 -7.03
CA ASN B 232 13.32 -11.75 -7.99
C ASN B 232 14.49 -10.78 -7.78
N MET B 233 14.21 -9.56 -7.29
N MET B 233 14.22 -9.56 -7.30
CA MET B 233 15.23 -8.57 -6.98
CA MET B 233 15.31 -8.61 -7.02
C MET B 233 16.15 -9.07 -5.85
C MET B 233 16.18 -9.08 -5.84
N VAL B 234 15.57 -9.76 -4.85
CA VAL B 234 16.34 -10.32 -3.71
C VAL B 234 17.15 -11.50 -4.23
N SER B 235 16.54 -12.36 -5.07
CA SER B 235 17.22 -13.50 -5.68
C SER B 235 18.46 -13.05 -6.45
N ARG B 236 18.34 -11.95 -7.22
CA ARG B 236 19.44 -11.35 -8.00
C ARG B 236 20.53 -10.79 -7.05
N LEU B 237 20.12 -10.16 -5.96
CA LEU B 237 21.08 -9.59 -5.01
C LEU B 237 21.88 -10.72 -4.34
N LEU B 238 21.17 -11.79 -3.94
CA LEU B 238 21.77 -12.93 -3.26
C LEU B 238 22.68 -13.71 -4.14
N LEU B 239 22.30 -13.87 -5.41
CA LEU B 239 23.14 -14.54 -6.41
C LEU B 239 24.42 -13.73 -6.67
N ASN B 240 24.31 -12.39 -6.81
CA ASN B 240 25.46 -11.50 -7.06
C ASN B 240 26.48 -11.60 -5.92
N ARG B 241 25.98 -11.67 -4.66
CA ARG B 241 26.78 -11.75 -3.45
C ARG B 241 27.61 -13.04 -3.34
N PHE B 242 27.35 -14.06 -4.20
CA PHE B 242 28.20 -15.26 -4.24
C PHE B 242 29.55 -14.91 -4.86
N THR B 243 29.53 -14.13 -5.97
CA THR B 243 30.73 -13.83 -6.77
C THR B 243 31.53 -12.64 -6.30
N MET B 244 30.86 -11.56 -5.83
CA MET B 244 31.54 -10.34 -5.40
C MET B 244 32.61 -10.63 -4.36
N THR B 245 33.63 -9.75 -4.28
CA THR B 245 34.70 -9.90 -3.29
C THR B 245 34.06 -9.91 -1.92
N HIS B 246 34.44 -10.87 -1.04
CA HIS B 246 33.87 -10.92 0.31
C HIS B 246 34.04 -9.58 0.98
N ARG B 247 32.93 -9.04 1.48
CA ARG B 247 32.89 -7.76 2.14
C ARG B 247 32.47 -8.01 3.57
N ARG B 248 33.24 -7.51 4.54
CA ARG B 248 32.93 -7.64 5.96
C ARG B 248 31.62 -6.92 6.24
N PRO B 249 30.74 -7.48 7.09
CA PRO B 249 29.46 -6.82 7.34
C PRO B 249 29.58 -5.42 7.96
N THR B 250 28.61 -4.56 7.65
CA THR B 250 28.53 -3.22 8.20
C THR B 250 28.07 -3.39 9.65
N ILE B 251 28.87 -2.91 10.59
CA ILE B 251 28.58 -3.04 12.02
C ILE B 251 27.94 -1.77 12.57
N GLU B 252 26.78 -1.95 13.23
CA GLU B 252 26.02 -0.87 13.84
C GLU B 252 25.88 -1.09 15.35
N LYS B 253 25.62 -0.01 16.11
CA LYS B 253 25.39 -0.12 17.55
C LYS B 253 24.05 -0.84 17.76
N ASP B 254 24.02 -1.79 18.69
CA ASP B 254 22.79 -2.50 18.98
C ASP B 254 21.79 -1.54 19.72
N VAL B 255 20.50 -1.88 19.74
CA VAL B 255 19.49 -1.05 20.41
C VAL B 255 19.65 -0.97 21.93
N ASP B 256 19.29 0.17 22.48
CA ASP B 256 19.30 0.39 23.92
C ASP B 256 17.81 0.51 24.29
N LEU B 257 17.26 -0.53 24.96
CA LEU B 257 15.85 -0.58 25.32
C LEU B 257 15.52 0.01 26.71
N GLY B 258 16.46 0.70 27.32
CA GLY B 258 16.28 1.41 28.58
C GLY B 258 15.90 0.59 29.79
N ALA B 259 15.18 1.22 30.73
CA ALA B 259 14.77 0.62 31.99
C ALA B 259 13.49 1.31 32.47
N GLY B 260 12.82 0.73 33.45
CA GLY B 260 11.65 1.31 34.09
C GLY B 260 10.29 0.89 33.57
N THR B 261 9.27 1.09 34.40
CA THR B 261 7.88 0.79 34.04
C THR B 261 7.31 1.92 33.20
N ARG B 262 6.22 1.63 32.47
CA ARG B 262 5.47 2.62 31.70
C ARG B 262 4.13 2.73 32.34
#